data_9G4P
#
_entry.id   9G4P
#
_cell.length_a   113.478
_cell.length_b   113.478
_cell.length_c   59.286
_cell.angle_alpha   90.00
_cell.angle_beta   90.00
_cell.angle_gamma   120.00
#
_symmetry.space_group_name_H-M   'P 61'
#
loop_
_entity.id
_entity.type
_entity.pdbx_description
1 polymer 'RNA (33-MER)'
2 polymer 'RNA (33-MER)'
3 non-polymer 'MAGNESIUM ION'
#
loop_
_entity_poly.entity_id
_entity_poly.type
_entity_poly.pdbx_seq_one_letter_code
_entity_poly.pdbx_strand_id
1 'polyribonucleotide' GGUAUAGAGGAUGGAACGGGCAGCCAUCGCC(CBV)GCC A
2 'polyribonucleotide' GGCGGGAGAUGAGGAUUGUCACCCUCCUAUACC B
#
loop_
_chem_comp.id
_chem_comp.type
_chem_comp.name
_chem_comp.formula
A RNA linking ADENOSINE-5'-MONOPHOSPHATE 'C10 H14 N5 O7 P'
C RNA linking CYTIDINE-5'-MONOPHOSPHATE 'C9 H14 N3 O8 P'
CBV RNA linking '5-BROMOCYTIDINE 5'-(DIHYDROGEN PHOSPHATE)' 'C9 H13 Br N3 O8 P'
G RNA linking GUANOSINE-5'-MONOPHOSPHATE 'C10 H14 N5 O8 P'
MG non-polymer 'MAGNESIUM ION' 'Mg 2'
U RNA linking URIDINE-5'-MONOPHOSPHATE 'C9 H13 N2 O9 P'
#
# COMPACT_ATOMS: atom_id res chain seq x y z
P CBV A 32 2.40 2.83 -4.65
O1P CBV A 32 3.43 3.77 -5.23
O2P CBV A 32 1.56 1.94 -5.53
O5' CBV A 32 3.14 1.87 -3.62
C5' CBV A 32 4.18 2.37 -2.80
C4' CBV A 32 4.75 1.28 -1.93
O4' CBV A 32 3.69 0.63 -1.18
C3' CBV A 32 5.40 0.13 -2.67
O3' CBV A 32 6.67 0.43 -3.21
C2' CBV A 32 5.41 -0.97 -1.62
O2' CBV A 32 6.42 -0.72 -0.65
C1' CBV A 32 4.06 -0.73 -0.95
N1 CBV A 32 3.02 -1.61 -1.52
C2 CBV A 32 2.96 -2.95 -1.09
O2 CBV A 32 3.78 -3.34 -0.23
N3 CBV A 32 2.05 -3.81 -1.58
C4 CBV A 32 1.16 -3.40 -2.50
N4 CBV A 32 0.24 -4.26 -2.99
C5 CBV A 32 1.21 -1.99 -2.98
C6 CBV A 32 2.16 -1.15 -2.44
BR CBV A 32 -0.01 -1.34 -4.28
MG MG C . -21.04 3.04 4.16
MG MG D . -17.83 -1.34 24.75
MG MG E . -22.37 10.69 15.44
MG MG F . -6.43 -1.37 9.30
#